data_5TB6
#
_entry.id   5TB6
#
_cell.length_a   24.450
_cell.length_b   45.340
_cell.length_c   104.630
_cell.angle_alpha   90.000
_cell.angle_beta   90.000
_cell.angle_gamma   90.000
#
_symmetry.space_group_name_H-M   'P 21 21 21'
#
loop_
_entity.id
_entity.type
_entity.pdbx_description
1 polymer 'CREB-binding protein'
2 non-polymer 1-(3-phenyl-1,4,6,7-tetrahydropyrazolo[4,3-c]pyridin-5-yl)propan-1-one
3 non-polymer 1,2-ETHANEDIOL
4 water water
#
_entity_poly.entity_id   1
_entity_poly.type   'polypeptide(L)'
_entity_poly.pdbx_seq_one_letter_code
;SMRKKIFKPEELRQALMPTLEALYRQDPESLPFRQPVDPQLLGIPDYFDIVKNPMDLSTIKRKLDTGQYQEPWQYVDDVW
LMFNNAWLYNRKTSRVYKFCSKLAEVFEQEIDPVMQSLG
;
_entity_poly.pdbx_strand_id   A
#
loop_
_chem_comp.id
_chem_comp.type
_chem_comp.name
_chem_comp.formula
77X non-polymer 1-(3-phenyl-1,4,6,7-tetrahydropyrazolo[4,3-c]pyridin-5-yl)propan-1-one 'C15 H17 N3 O'
EDO non-polymer 1,2-ETHANEDIOL 'C2 H6 O2'
#
# COMPACT_ATOMS: atom_id res chain seq x y z
N SER A 1 18.83 8.61 -20.23
CA SER A 1 19.93 9.55 -19.87
C SER A 1 19.84 10.16 -18.43
N MET A 2 18.64 10.15 -17.85
CA MET A 2 18.40 10.63 -16.46
C MET A 2 19.07 9.69 -15.42
N ARG A 3 19.28 10.18 -14.19
CA ARG A 3 19.84 9.34 -13.11
CA ARG A 3 19.84 9.32 -13.13
C ARG A 3 18.78 8.40 -12.54
N LYS A 4 19.18 7.18 -12.21
CA LYS A 4 18.20 6.21 -11.69
C LYS A 4 18.80 5.53 -10.48
N LYS A 5 17.90 5.06 -9.60
CA LYS A 5 18.30 4.25 -8.46
C LYS A 5 19.41 4.91 -7.65
N ILE A 6 19.15 6.15 -7.24
CA ILE A 6 20.17 6.88 -6.48
C ILE A 6 20.21 6.46 -5.02
N PHE A 7 19.07 6.00 -4.51
CA PHE A 7 18.94 5.48 -3.16
C PHE A 7 19.21 3.97 -3.07
N LYS A 8 19.85 3.57 -1.99
CA LYS A 8 19.96 2.16 -1.65
C LYS A 8 18.60 1.67 -1.20
N PRO A 9 18.27 0.41 -1.53
CA PRO A 9 17.02 -0.13 -1.01
C PRO A 9 16.86 -0.03 0.49
N GLU A 10 17.96 -0.19 1.22
CA GLU A 10 17.92 -0.06 2.67
C GLU A 10 17.67 1.39 3.15
N GLU A 11 18.05 2.40 2.36
CA GLU A 11 17.74 3.80 2.70
C GLU A 11 16.26 4.05 2.50
N LEU A 12 15.70 3.47 1.45
CA LEU A 12 14.26 3.56 1.22
C LEU A 12 13.46 2.84 2.30
N ARG A 13 13.93 1.65 2.70
CA ARG A 13 13.28 0.94 3.79
C ARG A 13 13.21 1.83 5.02
N GLN A 14 14.34 2.43 5.40
CA GLN A 14 14.38 3.28 6.58
C GLN A 14 13.46 4.53 6.46
N ALA A 15 13.50 5.17 5.28
CA ALA A 15 12.75 6.41 5.08
C ALA A 15 11.27 6.17 5.05
N LEU A 16 10.84 5.07 4.43
CA LEU A 16 9.42 4.82 4.17
C LEU A 16 8.68 4.03 5.21
N MET A 17 9.40 3.25 6.02
CA MET A 17 8.78 2.37 7.00
C MET A 17 7.77 3.09 7.91
N PRO A 18 8.13 4.30 8.39
CA PRO A 18 7.17 5.01 9.23
C PRO A 18 5.79 5.22 8.57
N THR A 19 5.75 5.38 7.25
CA THR A 19 4.49 5.62 6.53
C THR A 19 3.66 4.32 6.50
N LEU A 20 4.33 3.18 6.31
CA LEU A 20 3.69 1.87 6.42
C LEU A 20 3.14 1.62 7.86
N GLU A 21 3.97 1.94 8.83
CA GLU A 21 3.66 1.77 10.22
C GLU A 21 2.39 2.57 10.59
N ALA A 22 2.23 3.78 10.02
CA ALA A 22 1.04 4.60 10.31
C ALA A 22 -0.21 3.93 9.81
N LEU A 23 -0.15 3.21 8.69
CA LEU A 23 -1.33 2.49 8.19
C LEU A 23 -1.66 1.32 9.14
N TYR A 24 -0.63 0.59 9.55
CA TYR A 24 -0.82 -0.53 10.48
C TYR A 24 -1.48 -0.10 11.80
N ARG A 25 -1.16 1.11 12.24
CA ARG A 25 -1.62 1.68 13.49
C ARG A 25 -3.09 2.07 13.43
N GLN A 26 -3.70 2.05 12.23
CA GLN A 26 -5.12 2.41 12.09
C GLN A 26 -6.00 1.23 12.42
N ASP A 27 -6.75 1.36 13.50
CA ASP A 27 -7.58 0.29 14.01
C ASP A 27 -8.99 0.85 14.16
N PRO A 28 -9.99 0.19 13.54
CA PRO A 28 -10.02 -1.08 12.82
C PRO A 28 -9.67 -0.99 11.32
N GLU A 29 -9.34 0.20 10.83
CA GLU A 29 -9.38 0.41 9.37
C GLU A 29 -8.36 -0.39 8.59
N SER A 30 -7.22 -0.70 9.20
CA SER A 30 -6.18 -1.51 8.55
C SER A 30 -6.55 -3.02 8.49
N LEU A 31 -7.53 -3.48 9.31
CA LEU A 31 -7.75 -4.92 9.48
C LEU A 31 -8.09 -5.65 8.15
N PRO A 32 -8.95 -5.07 7.29
CA PRO A 32 -9.23 -5.72 5.98
C PRO A 32 -8.06 -5.73 5.00
N PHE A 33 -6.99 -5.00 5.30
CA PHE A 33 -5.82 -4.82 4.43
C PHE A 33 -4.54 -5.54 4.91
N ARG A 34 -4.61 -6.17 6.09
CA ARG A 34 -3.43 -6.78 6.74
C ARG A 34 -2.88 -7.98 5.98
N GLN A 35 -3.80 -8.74 5.38
CA GLN A 35 -3.53 -10.01 4.72
C GLN A 35 -4.14 -9.97 3.30
N PRO A 36 -3.59 -10.79 2.39
CA PRO A 36 -4.18 -10.85 1.06
C PRO A 36 -5.64 -11.26 1.13
N VAL A 37 -6.45 -10.59 0.32
CA VAL A 37 -7.84 -10.97 0.12
C VAL A 37 -7.93 -12.45 -0.24
N ASP A 38 -8.72 -13.19 0.53
CA ASP A 38 -8.93 -14.59 0.27
C ASP A 38 -10.36 -14.74 -0.26
N PRO A 39 -10.52 -14.88 -1.59
CA PRO A 39 -11.87 -14.94 -2.20
C PRO A 39 -12.70 -16.12 -1.72
N GLN A 40 -12.05 -17.27 -1.50
CA GLN A 40 -12.78 -18.44 -1.05
C GLN A 40 -13.37 -18.22 0.36
N LEU A 41 -12.55 -17.78 1.29
CA LEU A 41 -13.02 -17.45 2.65
C LEU A 41 -14.14 -16.40 2.65
N LEU A 42 -13.98 -15.37 1.81
CA LEU A 42 -14.95 -14.26 1.77
C LEU A 42 -16.17 -14.56 0.87
N GLY A 43 -16.11 -15.69 0.17
CA GLY A 43 -17.17 -16.11 -0.76
C GLY A 43 -17.43 -15.14 -1.91
N ILE A 44 -16.34 -14.61 -2.46
CA ILE A 44 -16.39 -13.68 -3.58
C ILE A 44 -15.53 -14.20 -4.75
N PRO A 45 -16.04 -15.23 -5.47
CA PRO A 45 -15.28 -15.88 -6.55
C PRO A 45 -14.87 -15.00 -7.73
N ASP A 46 -15.52 -13.83 -7.88
CA ASP A 46 -15.16 -12.91 -8.93
C ASP A 46 -13.99 -12.01 -8.60
N TYR A 47 -13.45 -12.13 -7.38
CA TYR A 47 -12.46 -11.17 -6.91
C TYR A 47 -11.25 -11.07 -7.84
N PHE A 48 -10.67 -12.22 -8.16
CA PHE A 48 -9.47 -12.26 -8.99
C PHE A 48 -9.75 -12.04 -10.49
N ASP A 49 -11.02 -12.06 -10.89
CA ASP A 49 -11.38 -11.63 -12.24
C ASP A 49 -11.28 -10.11 -12.38
N ILE A 50 -11.77 -9.41 -11.35
CA ILE A 50 -11.85 -7.95 -11.32
C ILE A 50 -10.53 -7.32 -10.88
N VAL A 51 -9.90 -7.89 -9.86
CA VAL A 51 -8.63 -7.41 -9.33
C VAL A 51 -7.53 -8.29 -9.92
N LYS A 52 -6.90 -7.75 -10.95
CA LYS A 52 -5.88 -8.50 -11.73
C LYS A 52 -4.51 -8.51 -11.06
N ASN A 53 -4.26 -7.53 -10.19
CA ASN A 53 -2.97 -7.40 -9.47
C ASN A 53 -3.19 -7.10 -7.99
N PRO A 54 -3.51 -8.14 -7.19
CA PRO A 54 -3.80 -7.95 -5.77
C PRO A 54 -2.60 -7.39 -5.02
N MET A 55 -2.89 -6.60 -3.99
CA MET A 55 -1.87 -6.05 -3.12
C MET A 55 -2.47 -5.81 -1.74
N ASP A 56 -1.64 -6.00 -0.71
CA ASP A 56 -2.05 -5.82 0.68
C ASP A 56 -0.83 -5.43 1.53
N LEU A 57 -1.11 -5.03 2.77
CA LEU A 57 -0.09 -4.58 3.72
C LEU A 57 1.01 -5.60 3.94
N SER A 58 0.67 -6.88 4.07
CA SER A 58 1.72 -7.87 4.33
C SER A 58 2.69 -7.98 3.17
N THR A 59 2.19 -7.82 1.96
CA THR A 59 3.04 -7.98 0.78
C THR A 59 3.99 -6.78 0.66
N ILE A 60 3.45 -5.60 0.92
CA ILE A 60 4.21 -4.35 0.88
C ILE A 60 5.29 -4.36 1.98
N LYS A 61 4.88 -4.73 3.19
CA LYS A 61 5.80 -4.89 4.35
C LYS A 61 6.96 -5.76 3.97
N ARG A 62 6.68 -6.94 3.43
CA ARG A 62 7.75 -7.90 3.10
C ARG A 62 8.70 -7.40 2.02
N LYS A 63 8.16 -6.68 1.03
CA LYS A 63 9.00 -6.10 -0.06
C LYS A 63 9.85 -4.97 0.49
N LEU A 64 9.25 -4.12 1.32
CA LEU A 64 10.01 -3.02 1.94
C LEU A 64 11.10 -3.56 2.87
N ASP A 65 10.71 -4.49 3.76
CA ASP A 65 11.67 -5.16 4.69
C ASP A 65 12.83 -5.85 4.02
N THR A 66 12.59 -6.48 2.88
CA THR A 66 13.64 -7.23 2.13
C THR A 66 14.37 -6.40 1.05
N GLY A 67 14.11 -5.11 1.02
CA GLY A 67 14.79 -4.22 0.07
C GLY A 67 14.39 -4.40 -1.39
N GLN A 68 13.13 -4.77 -1.64
CA GLN A 68 12.72 -5.05 -3.03
C GLN A 68 12.40 -3.77 -3.76
N TYR A 69 12.16 -2.68 -3.02
CA TYR A 69 11.87 -1.42 -3.67
C TYR A 69 13.17 -0.72 -4.05
N GLN A 70 13.31 -0.41 -5.34
CA GLN A 70 14.57 0.23 -5.82
C GLN A 70 14.44 1.72 -6.04
N GLU A 71 13.20 2.20 -6.11
CA GLU A 71 12.86 3.61 -6.24
C GLU A 71 11.73 3.92 -5.29
N PRO A 72 11.73 5.11 -4.71
CA PRO A 72 10.66 5.43 -3.75
C PRO A 72 9.27 5.30 -4.33
N TRP A 73 9.10 5.66 -5.59
CA TRP A 73 7.79 5.64 -6.25
C TRP A 73 7.22 4.21 -6.44
N GLN A 74 8.09 3.19 -6.41
CA GLN A 74 7.66 1.80 -6.50
C GLN A 74 6.90 1.38 -5.24
N TYR A 75 7.34 1.87 -4.09
CA TYR A 75 6.61 1.62 -2.84
C TYR A 75 5.24 2.35 -2.86
N VAL A 76 5.26 3.64 -3.21
CA VAL A 76 4.04 4.44 -3.33
C VAL A 76 3.07 3.79 -4.31
N ASP A 77 3.58 3.38 -5.47
CA ASP A 77 2.75 2.64 -6.44
C ASP A 77 2.05 1.41 -5.84
N ASP A 78 2.72 0.67 -4.96
CA ASP A 78 2.11 -0.51 -4.34
C ASP A 78 1.04 -0.13 -3.32
N VAL A 79 1.28 0.91 -2.54
CA VAL A 79 0.28 1.38 -1.59
C VAL A 79 -0.97 1.80 -2.40
N TRP A 80 -0.77 2.63 -3.41
CA TRP A 80 -1.89 3.08 -4.24
C TRP A 80 -2.63 1.95 -4.93
N LEU A 81 -1.91 0.95 -5.42
CA LEU A 81 -2.54 -0.26 -6.00
C LEU A 81 -3.50 -0.99 -5.01
N MET A 82 -3.01 -1.22 -3.80
CA MET A 82 -3.84 -1.72 -2.70
C MET A 82 -5.12 -0.90 -2.54
N PHE A 83 -4.98 0.42 -2.44
CA PHE A 83 -6.18 1.28 -2.30
C PHE A 83 -7.11 1.18 -3.48
N ASN A 84 -6.52 1.27 -4.65
CA ASN A 84 -7.30 1.29 -5.90
C ASN A 84 -8.01 -0.04 -6.14
N ASN A 85 -7.37 -1.16 -5.82
CA ASN A 85 -8.04 -2.45 -5.87
C ASN A 85 -9.30 -2.46 -4.99
N ALA A 86 -9.16 -1.99 -3.75
CA ALA A 86 -10.25 -1.99 -2.76
C ALA A 86 -11.41 -1.09 -3.20
N TRP A 87 -11.08 0.07 -3.74
CA TRP A 87 -12.12 1.00 -4.26
C TRP A 87 -12.78 0.46 -5.55
N LEU A 88 -12.02 -0.25 -6.36
CA LEU A 88 -12.59 -0.89 -7.56
C LEU A 88 -13.59 -2.00 -7.18
N TYR A 89 -13.17 -2.90 -6.29
CA TYR A 89 -13.91 -4.14 -6.03
C TYR A 89 -15.15 -3.87 -5.18
N ASN A 90 -14.96 -3.02 -4.16
CA ASN A 90 -15.95 -2.86 -3.11
C ASN A 90 -16.95 -1.76 -3.46
N ARG A 91 -18.18 -1.97 -3.02
CA ARG A 91 -19.22 -0.98 -3.23
C ARG A 91 -18.87 0.32 -2.48
N LYS A 92 -19.20 1.49 -3.06
CA LYS A 92 -18.84 2.78 -2.46
C LYS A 92 -19.45 2.98 -1.09
N THR A 93 -20.58 2.32 -0.84
CA THR A 93 -21.25 2.38 0.46
C THR A 93 -20.66 1.44 1.53
N SER A 94 -19.75 0.55 1.12
CA SER A 94 -19.34 -0.54 1.97
C SER A 94 -18.33 -0.10 3.03
N ARG A 95 -18.31 -0.89 4.11
CA ARG A 95 -17.38 -0.70 5.24
C ARG A 95 -15.92 -0.72 4.78
N VAL A 96 -15.58 -1.65 3.90
CA VAL A 96 -14.21 -1.79 3.41
C VAL A 96 -13.83 -0.60 2.54
N TYR A 97 -14.72 -0.15 1.66
CA TYR A 97 -14.49 1.06 0.84
C TYR A 97 -14.20 2.30 1.75
N LYS A 98 -15.07 2.54 2.74
CA LYS A 98 -14.88 3.70 3.69
C LYS A 98 -13.54 3.57 4.44
N PHE A 99 -13.21 2.35 4.87
CA PHE A 99 -11.91 2.08 5.52
C PHE A 99 -10.75 2.36 4.60
N CYS A 100 -10.87 1.95 3.33
CA CYS A 100 -9.85 2.28 2.33
C CYS A 100 -9.61 3.78 2.29
N SER A 101 -10.68 4.55 2.22
CA SER A 101 -10.61 6.01 2.07
C SER A 101 -9.87 6.64 3.28
N LYS A 102 -10.15 6.11 4.47
CA LYS A 102 -9.49 6.55 5.72
C LYS A 102 -7.99 6.22 5.68
N LEU A 103 -7.62 5.00 5.28
CA LEU A 103 -6.21 4.70 5.09
C LEU A 103 -5.53 5.61 4.07
N ALA A 104 -6.21 5.85 2.96
CA ALA A 104 -5.69 6.67 1.90
C ALA A 104 -5.40 8.08 2.42
N GLU A 105 -6.24 8.56 3.33
CA GLU A 105 -6.08 9.88 3.87
C GLU A 105 -4.88 9.96 4.81
N VAL A 106 -4.79 8.99 5.73
CA VAL A 106 -3.61 8.82 6.60
C VAL A 106 -2.33 8.73 5.74
N PHE A 107 -2.37 7.95 4.67
CA PHE A 107 -1.16 7.76 3.82
C PHE A 107 -0.71 9.05 3.16
N GLU A 108 -1.67 9.76 2.58
CA GLU A 108 -1.40 11.04 1.94
C GLU A 108 -0.67 12.00 2.94
N GLN A 109 -1.24 12.13 4.13
CA GLN A 109 -0.68 12.99 5.19
C GLN A 109 0.72 12.57 5.64
N GLU A 110 0.97 11.26 5.60
CA GLU A 110 2.23 10.67 6.02
C GLU A 110 3.31 10.78 4.94
N ILE A 111 2.93 10.50 3.69
CA ILE A 111 3.92 10.34 2.59
C ILE A 111 4.48 11.70 2.07
N ASP A 112 3.72 12.78 2.15
CA ASP A 112 4.15 14.02 1.47
C ASP A 112 5.46 14.56 2.07
N PRO A 113 5.55 14.69 3.43
CA PRO A 113 6.81 15.15 4.03
C PRO A 113 7.96 14.17 3.89
N VAL A 114 7.65 12.87 3.88
CA VAL A 114 8.70 11.87 3.66
C VAL A 114 9.29 12.02 2.24
N MET A 115 8.43 12.16 1.24
CA MET A 115 8.94 12.34 -0.13
C MET A 115 9.69 13.68 -0.27
N GLN A 116 9.32 14.69 0.51
CA GLN A 116 10.12 15.92 0.61
C GLN A 116 11.50 15.70 1.28
N SER A 117 11.56 14.87 2.32
CA SER A 117 12.85 14.46 2.93
C SER A 117 13.77 13.69 1.96
N LEU A 118 13.19 13.16 0.86
CA LEU A 118 14.00 12.51 -0.18
C LEU A 118 14.37 13.47 -1.33
N GLY A 119 14.04 14.76 -1.18
CA GLY A 119 14.29 15.78 -2.21
C GLY A 119 15.64 16.47 -2.01
CAS 77X B . -9.38 -4.35 1.05
CAR 77X B . -9.81 -5.78 1.27
CAP 77X B . -10.93 -6.27 0.33
OAQ 77X B . -11.16 -5.71 -0.75
NAH 77X B . -11.68 -7.30 0.77
CAG 77X B . -12.81 -7.84 -0.08
CAF 77X B . -14.13 -7.62 0.65
CAI 77X B . -11.44 -7.89 2.12
CAD 77X B . -12.78 -8.00 2.82
CAC 77X B . -13.98 -7.87 2.15
NAB 77X B . -14.93 -7.99 3.08
NAA 77X B . -14.44 -8.21 4.21
CAE 77X B . -13.12 -8.20 4.17
CAJ 77X B . -12.27 -8.41 5.29
CAK 77X B . -12.63 -7.87 6.53
CAL 77X B . -11.79 -8.10 7.60
CAM 77X B . -10.63 -8.86 7.50
CAN 77X B . -10.27 -9.41 6.28
CAO 77X B . -11.11 -9.16 5.20
C1 EDO C . -12.51 -13.01 9.06
O1 EDO C . -12.10 -12.79 7.68
C2 EDO C . -12.52 -11.72 9.87
O2 EDO C . -11.34 -11.51 10.68
#